data_6MEQ
#
_entry.id   6MEQ
#
_cell.length_a   126.811
_cell.length_b   162.912
_cell.length_c   52.857
_cell.angle_alpha   90.00
_cell.angle_beta   90.00
_cell.angle_gamma   90.00
#
_symmetry.space_group_name_H-M   'C 2 2 21'
#
loop_
_entity.id
_entity.type
_entity.pdbx_description
1 polymer 'Protocadherin gamma-B3'
2 non-polymer 'CALCIUM ION'
3 water water
#
_entity_poly.entity_id   1
_entity_poly.type   'polypeptide(L)'
_entity_poly.pdbx_seq_one_letter_code
;EPIRYAIPEELDRGSLVGNLAKDLGFGVGDLPTRNLRVIAEKKFFTVSPENGNLLVSDRIDREEICGKKSTCVLEFEMVA
EKPLNFFHVTVLIQDINDNPPTFSQNITELEISELALTGATFALESAQDPDVGVNSLQQYYLSPDPHFSLIQKENLDGSR
YPELVLKAPLDREEQPHHHLVLTAVDGGEPSRSCTTQIRVIVADANDNPPVFTQDMYRVNVAENLPAGSSVLKVMAIDMD
EGINAEIIYAFINIGKEVRQLFKLDSKTGELTTIGELDFEERDSYTIGVEAKDGGHHTAYCKVQIDISDENDNAPEITLA
SESQHIQEDAELGTAVALIKTHDLDSGFNGEILCQLKGNFPFKIVQDTKNTYRLVTDGALDREQIPEYNVTITATDKGNP
PLSSSKTITLHILDAA
;
_entity_poly.pdbx_strand_id   A
#
loop_
_chem_comp.id
_chem_comp.type
_chem_comp.name
_chem_comp.formula
CA non-polymer 'CALCIUM ION' 'Ca 2'
#
# COMPACT_ATOMS: atom_id res chain seq x y z
N GLU A 1 -27.07 74.21 -2.25
CA GLU A 1 -27.43 73.91 -3.64
C GLU A 1 -27.22 72.44 -4.02
N PRO A 2 -26.11 71.80 -3.63
CA PRO A 2 -25.98 70.37 -3.88
C PRO A 2 -27.04 69.57 -3.15
N ILE A 3 -27.60 68.58 -3.84
CA ILE A 3 -28.67 67.75 -3.30
C ILE A 3 -28.38 66.30 -3.66
N ARG A 4 -28.59 65.41 -2.69
CA ARG A 4 -28.33 63.98 -2.87
C ARG A 4 -29.62 63.20 -2.71
N TYR A 5 -29.80 62.19 -3.56
CA TYR A 5 -30.92 61.27 -3.48
C TYR A 5 -30.43 59.88 -3.14
N ALA A 6 -31.31 59.08 -2.52
CA ALA A 6 -30.99 57.71 -2.12
C ALA A 6 -32.15 56.81 -2.54
N ILE A 7 -31.97 56.09 -3.64
CA ILE A 7 -32.99 55.18 -4.15
C ILE A 7 -32.40 53.79 -4.30
N PRO A 8 -33.20 52.74 -4.16
CA PRO A 8 -32.67 51.38 -4.39
C PRO A 8 -32.43 51.13 -5.88
N GLU A 9 -31.70 50.06 -6.15
CA GLU A 9 -31.38 49.68 -7.52
C GLU A 9 -32.48 48.82 -8.11
N GLU A 10 -32.37 48.57 -9.42
CA GLU A 10 -33.29 47.70 -10.15
C GLU A 10 -34.73 48.19 -10.06
N LEU A 11 -34.91 49.51 -10.09
CA LEU A 11 -36.24 50.10 -10.11
C LEU A 11 -36.78 50.14 -11.53
N ASP A 12 -38.10 50.01 -11.65
CA ASP A 12 -38.74 50.03 -12.96
C ASP A 12 -38.58 51.41 -13.60
N ARG A 13 -38.66 51.43 -14.93
CA ARG A 13 -38.50 52.68 -15.67
C ARG A 13 -39.66 53.61 -15.38
N GLY A 14 -39.35 54.86 -15.08
CA GLY A 14 -40.36 55.84 -14.76
C GLY A 14 -40.63 56.03 -13.29
N SER A 15 -39.82 55.42 -12.41
CA SER A 15 -40.02 55.57 -10.98
C SER A 15 -39.59 56.96 -10.52
N LEU A 16 -40.29 57.47 -9.51
CA LEU A 16 -40.04 58.81 -9.01
C LEU A 16 -38.82 58.80 -8.09
N VAL A 17 -37.86 59.68 -8.38
CA VAL A 17 -36.69 59.87 -7.54
C VAL A 17 -36.82 61.11 -6.66
N GLY A 18 -37.39 62.18 -7.21
CA GLY A 18 -37.58 63.41 -6.49
C GLY A 18 -38.00 64.56 -7.38
N ASN A 19 -38.60 65.58 -6.80
CA ASN A 19 -39.06 66.75 -7.55
C ASN A 19 -37.93 67.79 -7.53
N LEU A 20 -37.14 67.83 -8.60
CA LEU A 20 -36.01 68.76 -8.65
C LEU A 20 -36.47 70.22 -8.66
N ALA A 21 -37.61 70.50 -9.29
CA ALA A 21 -38.09 71.88 -9.34
C ALA A 21 -38.43 72.40 -7.95
N LYS A 22 -39.08 71.58 -7.13
CA LYS A 22 -39.46 72.02 -5.80
C LYS A 22 -38.27 71.99 -4.84
N ASP A 23 -37.42 70.97 -4.93
CA ASP A 23 -36.30 70.84 -4.01
C ASP A 23 -35.22 71.90 -4.24
N LEU A 24 -35.23 72.57 -5.39
CA LEU A 24 -34.28 73.64 -5.67
C LEU A 24 -34.88 75.02 -5.49
N GLY A 25 -36.15 75.20 -5.82
CA GLY A 25 -36.81 76.48 -5.66
C GLY A 25 -37.34 77.04 -6.96
N PHE A 26 -38.03 76.21 -7.74
CA PHE A 26 -38.56 76.59 -9.03
C PHE A 26 -40.07 76.82 -8.89
N GLY A 27 -40.93 76.19 -9.68
CA GLY A 27 -42.35 76.43 -9.65
C GLY A 27 -42.99 76.06 -10.97
N VAL A 28 -44.19 75.45 -10.92
CA VAL A 28 -44.84 74.98 -12.14
C VAL A 28 -45.18 76.13 -13.08
N GLY A 29 -45.24 77.36 -12.57
CA GLY A 29 -45.47 78.51 -13.43
C GLY A 29 -44.28 78.90 -14.28
N ASP A 30 -43.13 78.25 -14.09
CA ASP A 30 -41.94 78.55 -14.87
C ASP A 30 -41.24 77.29 -15.37
N LEU A 31 -41.96 76.17 -15.47
CA LEU A 31 -41.35 74.93 -15.96
C LEU A 31 -40.90 75.04 -17.42
N PRO A 32 -41.73 75.50 -18.37
CA PRO A 32 -41.27 75.51 -19.77
C PRO A 32 -40.22 76.56 -20.06
N THR A 33 -40.20 77.66 -19.30
CA THR A 33 -39.24 78.73 -19.57
C THR A 33 -37.81 78.27 -19.29
N ARG A 34 -37.60 77.62 -18.14
CA ARG A 34 -36.25 77.18 -17.79
C ARG A 34 -35.83 75.96 -18.60
N ASN A 35 -36.79 75.14 -19.04
CA ASN A 35 -36.53 73.97 -19.87
C ASN A 35 -35.47 73.08 -19.25
N LEU A 36 -35.83 72.32 -18.21
CA LEU A 36 -34.86 71.50 -17.51
C LEU A 36 -34.48 70.28 -18.36
N ARG A 37 -33.22 69.88 -18.25
CA ARG A 37 -32.72 68.71 -18.96
C ARG A 37 -31.50 68.18 -18.23
N VAL A 38 -31.32 66.87 -18.30
CA VAL A 38 -30.19 66.20 -17.65
C VAL A 38 -29.06 66.05 -18.66
N ILE A 39 -27.83 66.22 -18.20
CA ILE A 39 -26.64 66.12 -19.04
C ILE A 39 -25.72 65.07 -18.42
N ALA A 40 -25.67 63.90 -19.05
CA ALA A 40 -24.81 62.81 -18.58
C ALA A 40 -24.63 61.82 -19.72
N GLU A 41 -23.44 61.23 -19.81
CA GLU A 41 -23.19 60.24 -20.85
C GLU A 41 -24.02 58.99 -20.65
N LYS A 42 -24.26 58.60 -19.40
CA LYS A 42 -25.11 57.46 -19.09
C LYS A 42 -26.54 57.94 -18.91
N LYS A 43 -27.44 57.46 -19.77
CA LYS A 43 -28.85 57.87 -19.73
C LYS A 43 -29.57 57.06 -18.65
N PHE A 44 -29.25 57.37 -17.41
CA PHE A 44 -29.86 56.69 -16.27
C PHE A 44 -31.07 57.44 -15.72
N PHE A 45 -31.09 58.77 -15.83
CA PHE A 45 -32.17 59.57 -15.30
C PHE A 45 -32.63 60.58 -16.36
N THR A 46 -33.87 61.03 -16.20
CA THR A 46 -34.44 62.06 -17.07
C THR A 46 -35.26 63.02 -16.23
N VAL A 47 -35.42 64.24 -16.75
CA VAL A 47 -36.18 65.29 -16.08
C VAL A 47 -37.41 65.60 -16.92
N SER A 48 -38.57 65.58 -16.28
CA SER A 48 -39.82 65.86 -16.97
C SER A 48 -40.00 67.37 -17.11
N PRO A 49 -40.12 67.90 -18.33
CA PRO A 49 -40.26 69.36 -18.49
C PRO A 49 -41.65 69.86 -18.19
N GLU A 50 -42.51 69.01 -17.65
CA GLU A 50 -43.87 69.38 -17.30
C GLU A 50 -44.03 69.73 -15.82
N ASN A 51 -43.52 68.86 -14.94
CA ASN A 51 -43.61 69.09 -13.50
C ASN A 51 -42.26 69.17 -12.81
N GLY A 52 -41.17 68.90 -13.51
CA GLY A 52 -39.85 68.99 -12.92
C GLY A 52 -39.46 67.81 -12.05
N ASN A 53 -40.00 66.63 -12.32
CA ASN A 53 -39.68 65.44 -11.56
C ASN A 53 -38.49 64.70 -12.17
N LEU A 54 -37.68 64.10 -11.32
CA LEU A 54 -36.55 63.29 -11.74
C LEU A 54 -36.97 61.83 -11.75
N LEU A 55 -36.93 61.21 -12.93
CA LEU A 55 -37.39 59.84 -13.11
C LEU A 55 -36.22 58.96 -13.56
N VAL A 56 -36.48 57.66 -13.57
CA VAL A 56 -35.49 56.66 -13.99
C VAL A 56 -35.74 56.34 -15.46
N SER A 57 -34.66 56.33 -16.26
CA SER A 57 -34.76 56.11 -17.69
C SER A 57 -34.24 54.76 -18.14
N ASP A 58 -33.30 54.17 -17.42
CA ASP A 58 -32.72 52.89 -17.82
C ASP A 58 -32.49 52.04 -16.57
N ARG A 59 -32.17 50.77 -16.80
CA ARG A 59 -31.91 49.85 -15.69
C ARG A 59 -30.64 50.26 -14.96
N ILE A 60 -30.74 50.39 -13.64
CA ILE A 60 -29.63 50.80 -12.80
C ILE A 60 -29.15 49.56 -12.04
N ASP A 61 -28.09 48.94 -12.55
CA ASP A 61 -27.50 47.76 -11.93
C ASP A 61 -26.27 48.20 -11.14
N ARG A 62 -26.35 48.12 -9.81
CA ARG A 62 -25.24 48.57 -8.97
C ARG A 62 -24.00 47.72 -9.16
N GLU A 63 -24.17 46.43 -9.46
CA GLU A 63 -23.02 45.55 -9.67
C GLU A 63 -22.27 45.91 -10.95
N GLU A 64 -22.96 46.45 -11.94
CA GLU A 64 -22.33 46.81 -13.20
C GLU A 64 -21.78 48.23 -13.18
N ILE A 65 -22.35 49.11 -12.38
CA ILE A 65 -21.92 50.50 -12.32
C ILE A 65 -20.78 50.70 -11.32
N CYS A 66 -20.95 50.19 -10.10
CA CYS A 66 -19.99 50.41 -9.02
C CYS A 66 -19.16 49.18 -8.67
N GLY A 67 -19.70 47.98 -8.86
CA GLY A 67 -18.92 46.78 -8.59
C GLY A 67 -18.96 46.43 -7.11
N LYS A 68 -17.77 46.26 -6.53
CA LYS A 68 -17.62 45.86 -5.14
C LYS A 68 -17.37 47.03 -4.19
N LYS A 69 -17.64 48.25 -4.64
CA LYS A 69 -17.44 49.42 -3.80
C LYS A 69 -18.54 49.52 -2.76
N SER A 70 -18.17 50.06 -1.59
CA SER A 70 -19.12 50.24 -0.49
C SER A 70 -20.21 51.22 -0.88
N THR A 71 -19.83 52.48 -1.07
CA THR A 71 -20.76 53.51 -1.51
C THR A 71 -20.88 53.52 -3.03
N CYS A 72 -22.01 54.02 -3.51
CA CYS A 72 -22.28 54.03 -4.95
C CYS A 72 -23.16 55.25 -5.25
N VAL A 73 -22.52 56.33 -5.73
CA VAL A 73 -23.22 57.56 -6.05
C VAL A 73 -23.05 57.84 -7.54
N LEU A 74 -24.07 58.45 -8.13
CA LEU A 74 -24.06 58.86 -9.53
C LEU A 74 -24.19 60.37 -9.60
N GLU A 75 -23.15 61.02 -10.13
CA GLU A 75 -23.09 62.48 -10.19
C GLU A 75 -23.36 62.95 -11.61
N PHE A 76 -24.31 63.86 -11.75
CA PHE A 76 -24.65 64.46 -13.04
C PHE A 76 -24.99 65.93 -12.82
N GLU A 77 -25.21 66.63 -13.94
CA GLU A 77 -25.49 68.05 -13.91
C GLU A 77 -26.77 68.33 -14.69
N MET A 78 -27.69 69.05 -14.06
CA MET A 78 -28.93 69.49 -14.70
C MET A 78 -28.73 70.92 -15.20
N VAL A 79 -29.20 71.19 -16.42
CA VAL A 79 -29.01 72.47 -17.08
C VAL A 79 -30.35 73.19 -17.18
N ALA A 80 -30.39 74.42 -16.70
CA ALA A 80 -31.53 75.31 -16.86
C ALA A 80 -31.10 76.54 -17.64
N GLU A 81 -31.98 77.03 -18.50
CA GLU A 81 -31.69 78.18 -19.34
C GLU A 81 -32.63 79.34 -18.99
N LYS A 82 -32.21 80.54 -19.39
CA LYS A 82 -32.89 81.81 -19.10
C LYS A 82 -33.07 82.01 -17.60
N PRO A 83 -31.99 82.24 -16.84
CA PRO A 83 -30.59 82.26 -17.26
C PRO A 83 -29.95 80.87 -17.23
N LEU A 84 -28.73 80.76 -17.73
CA LEU A 84 -28.01 79.49 -17.75
C LEU A 84 -27.29 79.27 -16.43
N ASN A 85 -27.57 78.15 -15.78
CA ASN A 85 -26.95 77.80 -14.51
C ASN A 85 -26.77 76.29 -14.43
N PHE A 86 -25.86 75.88 -13.56
CA PHE A 86 -25.60 74.47 -13.30
C PHE A 86 -26.21 74.06 -11.96
N PHE A 87 -26.68 72.81 -11.92
CA PHE A 87 -27.28 72.25 -10.70
C PHE A 87 -26.74 70.84 -10.52
N HIS A 88 -25.76 70.69 -9.62
CA HIS A 88 -25.14 69.39 -9.37
C HIS A 88 -26.08 68.53 -8.54
N VAL A 89 -26.45 67.38 -9.08
CA VAL A 89 -27.34 66.44 -8.40
C VAL A 89 -26.65 65.08 -8.32
N THR A 90 -26.62 64.51 -7.12
CA THR A 90 -26.04 63.19 -6.89
C THR A 90 -27.14 62.23 -6.46
N VAL A 91 -27.02 60.97 -6.88
CA VAL A 91 -28.00 59.94 -6.57
C VAL A 91 -27.26 58.75 -5.99
N LEU A 92 -27.49 58.47 -4.70
CA LEU A 92 -26.93 57.28 -4.07
C LEU A 92 -27.77 56.06 -4.45
N ILE A 93 -27.10 55.02 -4.94
CA ILE A 93 -27.75 53.80 -5.38
C ILE A 93 -27.66 52.78 -4.26
N GLN A 94 -28.79 52.47 -3.63
CA GLN A 94 -28.82 51.48 -2.56
C GLN A 94 -28.72 50.08 -3.14
N ASP A 95 -28.07 49.19 -2.38
CA ASP A 95 -27.85 47.81 -2.82
C ASP A 95 -28.94 46.89 -2.29
N ILE A 96 -29.44 46.02 -3.16
CA ILE A 96 -30.41 45.01 -2.78
C ILE A 96 -29.78 43.64 -2.99
N ASN A 97 -30.32 42.65 -2.26
CA ASN A 97 -29.81 41.28 -2.33
C ASN A 97 -30.51 40.57 -3.49
N ASP A 98 -30.00 40.82 -4.70
CA ASP A 98 -30.55 40.22 -5.91
C ASP A 98 -29.55 39.32 -6.61
N ASN A 99 -28.47 38.93 -5.92
CA ASN A 99 -27.46 38.06 -6.51
C ASN A 99 -27.03 37.00 -5.51
N PRO A 100 -27.22 35.72 -5.83
CA PRO A 100 -26.83 34.66 -4.89
C PRO A 100 -25.33 34.46 -4.91
N PRO A 101 -24.77 33.92 -3.83
CA PRO A 101 -23.34 33.60 -3.83
C PRO A 101 -23.05 32.40 -4.74
N THR A 102 -21.76 32.18 -5.00
CA THR A 102 -21.35 31.12 -5.88
C THR A 102 -19.93 30.68 -5.53
N PHE A 103 -19.62 29.43 -5.85
CA PHE A 103 -18.28 28.89 -5.68
C PHE A 103 -17.56 28.82 -7.03
N SER A 104 -16.26 28.48 -6.95
CA SER A 104 -15.47 28.37 -8.18
C SER A 104 -15.92 27.18 -9.01
N GLN A 105 -16.02 26.01 -8.40
CA GLN A 105 -16.42 24.80 -9.08
C GLN A 105 -17.39 24.01 -8.20
N ASN A 106 -18.24 23.21 -8.84
CA ASN A 106 -19.24 22.45 -8.10
C ASN A 106 -18.61 21.29 -7.35
N ILE A 107 -17.66 20.60 -7.98
CA ILE A 107 -16.97 19.46 -7.39
C ILE A 107 -15.54 19.88 -7.09
N THR A 108 -15.12 19.74 -5.83
CA THR A 108 -13.78 20.10 -5.40
C THR A 108 -13.18 18.91 -4.66
N GLU A 109 -12.00 18.47 -5.11
CA GLU A 109 -11.30 17.36 -4.48
C GLU A 109 -10.22 17.89 -3.54
N LEU A 110 -9.94 17.11 -2.50
CA LEU A 110 -8.97 17.50 -1.48
C LEU A 110 -8.28 16.24 -0.98
N GLU A 111 -6.99 16.12 -1.25
CA GLU A 111 -6.21 14.96 -0.81
C GLU A 111 -5.68 15.20 0.59
N ILE A 112 -5.98 14.28 1.50
CA ILE A 112 -5.58 14.37 2.90
C ILE A 112 -4.92 13.06 3.31
N SER A 113 -3.71 13.14 3.84
CA SER A 113 -3.01 11.94 4.31
C SER A 113 -3.67 11.40 5.56
N GLU A 114 -3.68 10.08 5.68
CA GLU A 114 -4.30 9.43 6.83
C GLU A 114 -3.50 9.60 8.12
N LEU A 115 -2.27 10.09 8.04
CA LEU A 115 -1.48 10.39 9.22
C LEU A 115 -1.86 11.71 9.87
N ALA A 116 -2.89 12.39 9.37
CA ALA A 116 -3.31 13.66 9.96
C ALA A 116 -3.89 13.43 11.35
N LEU A 117 -3.39 14.18 12.32
CA LEU A 117 -3.86 14.04 13.69
C LEU A 117 -5.24 14.68 13.84
N THR A 118 -5.90 14.34 14.95
CA THR A 118 -7.20 14.94 15.26
C THR A 118 -7.04 16.42 15.52
N GLY A 119 -7.89 17.23 14.90
CA GLY A 119 -7.83 18.67 15.01
C GLY A 119 -7.11 19.36 13.88
N ALA A 120 -6.62 18.63 12.89
CA ALA A 120 -5.93 19.23 11.76
C ALA A 120 -6.90 20.08 10.94
N THR A 121 -6.42 21.24 10.50
CA THR A 121 -7.23 22.18 9.75
C THR A 121 -6.77 22.21 8.29
N PHE A 122 -7.75 22.26 7.38
CA PHE A 122 -7.48 22.30 5.95
C PHE A 122 -8.29 23.43 5.34
N ALA A 123 -7.63 24.25 4.51
CA ALA A 123 -8.27 25.44 3.97
C ALA A 123 -9.30 25.06 2.92
N LEU A 124 -10.47 25.70 3.00
CA LEU A 124 -11.54 25.54 2.02
C LEU A 124 -11.73 26.85 1.26
N GLU A 125 -12.11 26.74 0.00
CA GLU A 125 -12.33 27.92 -0.82
C GLU A 125 -13.62 28.61 -0.43
N SER A 126 -13.56 29.94 -0.33
CA SER A 126 -14.71 30.74 0.05
C SER A 126 -15.61 31.02 -1.14
N ALA A 127 -16.83 31.45 -0.85
CA ALA A 127 -17.80 31.82 -1.86
C ALA A 127 -17.74 33.33 -2.12
N GLN A 128 -18.03 33.71 -3.35
CA GLN A 128 -17.98 35.10 -3.78
C GLN A 128 -19.38 35.60 -4.11
N ASP A 129 -19.64 36.87 -3.79
CA ASP A 129 -20.93 37.49 -4.03
C ASP A 129 -20.74 38.88 -4.61
N PRO A 130 -21.31 39.18 -5.78
CA PRO A 130 -21.13 40.51 -6.37
C PRO A 130 -21.80 41.64 -5.59
N ASP A 131 -22.63 41.32 -4.60
CA ASP A 131 -23.27 42.34 -3.77
C ASP A 131 -22.26 42.90 -2.77
N VAL A 132 -22.71 43.86 -1.97
CA VAL A 132 -21.89 44.49 -0.94
C VAL A 132 -22.69 44.54 0.35
N GLY A 133 -22.00 44.93 1.42
CA GLY A 133 -22.64 45.02 2.73
C GLY A 133 -23.04 43.67 3.27
N VAL A 134 -24.17 43.65 3.98
CA VAL A 134 -24.68 42.40 4.54
C VAL A 134 -25.19 41.47 3.46
N ASN A 135 -25.48 41.98 2.27
CA ASN A 135 -25.94 41.13 1.17
C ASN A 135 -24.85 40.21 0.66
N SER A 136 -23.58 40.50 0.96
CA SER A 136 -22.47 39.64 0.58
C SER A 136 -21.83 38.94 1.77
N LEU A 137 -22.24 39.26 2.99
CA LEU A 137 -21.69 38.62 4.19
C LEU A 137 -22.17 37.17 4.25
N GLN A 138 -21.27 36.23 3.99
CA GLN A 138 -21.63 34.83 3.86
C GLN A 138 -21.59 34.13 5.22
N GLN A 139 -22.42 33.10 5.35
CA GLN A 139 -22.48 32.26 6.54
C GLN A 139 -22.39 30.81 6.07
N TYR A 140 -21.28 30.15 6.38
CA TYR A 140 -21.00 28.82 5.85
C TYR A 140 -21.51 27.74 6.78
N TYR A 141 -22.05 26.67 6.20
CA TYR A 141 -22.56 25.53 6.93
C TYR A 141 -22.09 24.24 6.26
N LEU A 142 -21.81 23.22 7.07
CA LEU A 142 -21.35 21.94 6.57
C LEU A 142 -22.32 20.84 7.02
N SER A 143 -22.60 19.91 6.11
CA SER A 143 -23.46 18.79 6.44
C SER A 143 -22.81 17.91 7.50
N PRO A 144 -23.60 17.34 8.41
CA PRO A 144 -23.02 16.52 9.48
C PRO A 144 -22.30 15.30 8.92
N ASP A 145 -21.08 15.07 9.43
CA ASP A 145 -20.27 13.94 9.04
C ASP A 145 -19.51 13.49 10.28
N PRO A 146 -19.45 12.19 10.56
CA PRO A 146 -18.79 11.73 11.79
C PRO A 146 -17.29 12.01 11.84
N HIS A 147 -16.67 12.33 10.71
CA HIS A 147 -15.24 12.57 10.66
C HIS A 147 -14.85 14.03 10.49
N PHE A 148 -15.72 14.86 9.92
CA PHE A 148 -15.38 16.25 9.62
C PHE A 148 -16.41 17.19 10.24
N SER A 149 -15.92 18.37 10.62
CA SER A 149 -16.75 19.49 11.05
C SER A 149 -16.29 20.73 10.30
N LEU A 150 -16.91 21.87 10.63
CA LEU A 150 -16.61 23.13 9.96
C LEU A 150 -16.15 24.18 10.96
N ILE A 151 -15.13 24.94 10.57
CA ILE A 151 -14.65 26.08 11.35
C ILE A 151 -14.86 27.33 10.50
N GLN A 152 -15.50 28.34 11.09
CA GLN A 152 -15.78 29.60 10.40
C GLN A 152 -15.04 30.71 11.12
N LYS A 153 -14.02 31.26 10.47
CA LYS A 153 -13.26 32.39 11.00
C LYS A 153 -13.57 33.64 10.18
N GLU A 154 -13.08 34.77 10.68
CA GLU A 154 -13.28 36.06 10.02
C GLU A 154 -11.93 36.75 9.84
N ASN A 155 -11.80 37.48 8.74
CA ASN A 155 -10.60 38.24 8.46
C ASN A 155 -10.63 39.54 9.25
N LEU A 156 -9.71 40.46 8.94
CA LEU A 156 -9.66 41.75 9.62
C LEU A 156 -10.71 42.72 9.11
N ASP A 157 -11.38 42.41 8.00
CA ASP A 157 -12.41 43.29 7.45
C ASP A 157 -13.83 42.84 7.76
N GLY A 158 -14.01 41.62 8.28
CA GLY A 158 -15.31 41.11 8.64
C GLY A 158 -15.82 39.98 7.76
N SER A 159 -15.14 39.70 6.64
CA SER A 159 -15.58 38.63 5.75
C SER A 159 -15.27 37.27 6.37
N ARG A 160 -16.17 36.31 6.17
CA ARG A 160 -16.04 34.98 6.72
C ARG A 160 -15.42 34.04 5.69
N TYR A 161 -14.61 33.10 6.17
CA TYR A 161 -14.01 32.08 5.32
C TYR A 161 -14.05 30.76 6.07
N PRO A 162 -14.45 29.67 5.41
CA PRO A 162 -14.54 28.38 6.09
C PRO A 162 -13.24 27.59 6.02
N GLU A 163 -13.08 26.70 7.00
CA GLU A 163 -11.95 25.79 7.05
C GLU A 163 -12.40 24.44 7.58
N LEU A 164 -11.96 23.38 6.92
CA LEU A 164 -12.36 22.03 7.31
C LEU A 164 -11.49 21.54 8.46
N VAL A 165 -12.12 20.94 9.46
CA VAL A 165 -11.42 20.42 10.63
C VAL A 165 -11.70 18.92 10.73
N LEU A 166 -10.72 18.19 11.24
CA LEU A 166 -10.79 16.73 11.39
C LEU A 166 -10.99 16.40 12.86
N LYS A 167 -12.10 15.74 13.18
CA LYS A 167 -12.40 15.33 14.55
C LYS A 167 -12.27 13.83 14.77
N ALA A 168 -12.00 13.04 13.73
CA ALA A 168 -11.84 11.60 13.85
C ALA A 168 -10.72 11.18 12.91
N PRO A 169 -9.80 10.33 13.36
CA PRO A 169 -8.68 9.94 12.50
C PRO A 169 -9.15 9.23 11.24
N LEU A 170 -8.51 9.52 10.13
CA LEU A 170 -8.85 8.93 8.84
C LEU A 170 -8.07 7.63 8.62
N ASP A 171 -8.71 6.71 7.90
CA ASP A 171 -8.13 5.40 7.61
C ASP A 171 -8.53 5.02 6.19
N ARG A 172 -7.53 4.96 5.29
CA ARG A 172 -7.83 4.59 3.91
C ARG A 172 -8.25 3.12 3.80
N GLU A 173 -7.71 2.27 4.66
CA GLU A 173 -8.07 0.85 4.63
C GLU A 173 -9.51 0.61 5.05
N GLU A 174 -10.15 1.59 5.68
CA GLU A 174 -11.56 1.49 6.08
C GLU A 174 -12.48 2.27 5.16
N GLN A 175 -12.11 3.50 4.79
CA GLN A 175 -12.90 4.32 3.89
C GLN A 175 -11.98 5.28 3.14
N PRO A 176 -11.71 5.02 1.86
CA PRO A 176 -10.73 5.85 1.13
C PRO A 176 -11.29 7.19 0.67
N HIS A 177 -12.60 7.29 0.48
CA HIS A 177 -13.22 8.50 -0.05
C HIS A 177 -14.34 8.96 0.88
N HIS A 178 -14.47 10.28 1.00
CA HIS A 178 -15.54 10.90 1.78
C HIS A 178 -16.19 11.98 0.93
N HIS A 179 -17.51 12.13 1.09
CA HIS A 179 -18.30 13.08 0.33
C HIS A 179 -18.94 14.07 1.28
N LEU A 180 -18.58 15.35 1.15
CA LEU A 180 -19.08 16.40 2.01
C LEU A 180 -19.85 17.42 1.17
N VAL A 181 -20.72 18.17 1.85
CA VAL A 181 -21.53 19.20 1.21
C VAL A 181 -21.37 20.50 2.00
N LEU A 182 -20.85 21.53 1.35
CA LEU A 182 -20.65 22.84 1.96
C LEU A 182 -21.69 23.80 1.40
N THR A 183 -22.33 24.56 2.30
CA THR A 183 -23.39 25.50 1.94
C THR A 183 -23.03 26.89 2.45
N ALA A 184 -23.24 27.88 1.58
CA ALA A 184 -22.95 29.28 1.91
C ALA A 184 -24.24 30.09 1.77
N VAL A 185 -24.60 30.80 2.84
CA VAL A 185 -25.81 31.63 2.89
C VAL A 185 -25.40 33.05 3.22
N ASP A 186 -25.96 34.01 2.49
CA ASP A 186 -25.66 35.42 2.74
C ASP A 186 -26.63 35.99 3.76
N GLY A 187 -26.32 37.19 4.23
CA GLY A 187 -27.15 37.84 5.25
C GLY A 187 -28.02 38.95 4.70
N GLY A 188 -28.57 38.75 3.50
CA GLY A 188 -29.43 39.71 2.86
C GLY A 188 -30.89 39.34 2.96
N GLU A 189 -31.69 39.96 2.10
CA GLU A 189 -33.13 39.70 2.06
C GLU A 189 -33.63 39.75 0.62
N PRO A 190 -34.13 38.63 0.07
CA PRO A 190 -34.23 37.33 0.75
C PRO A 190 -32.90 36.59 0.81
N SER A 191 -32.81 35.58 1.67
CA SER A 191 -31.57 34.82 1.84
C SER A 191 -31.36 33.90 0.65
N ARG A 192 -30.32 34.19 -0.14
CA ARG A 192 -29.93 33.35 -1.26
C ARG A 192 -28.72 32.51 -0.87
N SER A 193 -28.68 31.27 -1.36
CA SER A 193 -27.63 30.34 -0.97
C SER A 193 -27.23 29.47 -2.16
N CYS A 194 -26.07 28.83 -2.02
CA CYS A 194 -25.57 27.88 -2.99
C CYS A 194 -24.84 26.77 -2.26
N THR A 195 -24.63 25.66 -2.95
CA THR A 195 -23.99 24.48 -2.38
C THR A 195 -22.84 24.03 -3.26
N THR A 196 -21.96 23.22 -2.66
CA THR A 196 -20.84 22.63 -3.37
C THR A 196 -20.43 21.34 -2.68
N GLN A 197 -19.91 20.40 -3.45
CA GLN A 197 -19.50 19.10 -2.94
C GLN A 197 -17.99 19.04 -2.80
N ILE A 198 -17.52 18.41 -1.73
CA ILE A 198 -16.10 18.27 -1.44
C ILE A 198 -15.80 16.78 -1.35
N ARG A 199 -15.00 16.28 -2.29
CA ARG A 199 -14.61 14.87 -2.34
C ARG A 199 -13.24 14.74 -1.68
N VAL A 200 -13.20 14.22 -0.46
CA VAL A 200 -11.96 14.05 0.28
C VAL A 200 -11.37 12.70 -0.09
N ILE A 201 -10.17 12.72 -0.67
CA ILE A 201 -9.45 11.51 -1.06
C ILE A 201 -8.37 11.27 -0.02
N VAL A 202 -8.49 10.17 0.72
CA VAL A 202 -7.53 9.85 1.77
C VAL A 202 -6.26 9.30 1.13
N ALA A 203 -5.16 10.03 1.29
CA ALA A 203 -3.88 9.57 0.79
C ALA A 203 -3.33 8.45 1.67
N ASP A 204 -2.61 7.52 1.04
CA ASP A 204 -2.13 6.33 1.73
C ASP A 204 -0.79 6.58 2.39
N ALA A 205 -0.67 6.12 3.63
CA ALA A 205 0.59 6.13 4.36
C ALA A 205 0.89 4.72 4.85
N ASN A 206 2.17 4.45 5.07
CA ASN A 206 2.62 3.10 5.48
C ASN A 206 2.23 2.89 6.93
N ASP A 207 0.95 2.60 7.15
CA ASP A 207 0.41 2.37 8.50
C ASP A 207 0.13 0.90 8.77
N ASN A 208 0.75 0.00 8.01
CA ASN A 208 0.57 -1.43 8.21
C ASN A 208 1.79 -2.21 7.71
N PRO A 209 2.53 -2.84 8.60
CA PRO A 209 3.70 -3.61 8.18
C PRO A 209 3.29 -4.93 7.56
N PRO A 210 4.18 -5.60 6.82
CA PRO A 210 3.84 -6.91 6.25
C PRO A 210 3.56 -7.94 7.34
N VAL A 211 2.66 -8.86 7.04
CA VAL A 211 2.25 -9.91 7.96
C VAL A 211 2.28 -11.24 7.22
N PHE A 212 3.06 -12.20 7.73
CA PHE A 212 3.10 -13.51 7.13
C PHE A 212 1.84 -14.30 7.48
N THR A 213 1.44 -15.20 6.57
CA THR A 213 0.28 -16.04 6.82
C THR A 213 0.56 -17.06 7.92
N GLN A 214 1.80 -17.55 8.01
CA GLN A 214 2.20 -18.51 9.03
C GLN A 214 3.52 -18.07 9.63
N ASP A 215 3.67 -18.28 10.93
CA ASP A 215 4.93 -17.98 11.62
C ASP A 215 5.94 -19.10 11.50
N MET A 216 5.60 -20.20 10.84
CA MET A 216 6.51 -21.33 10.69
C MET A 216 6.09 -22.12 9.46
N TYR A 217 6.96 -22.18 8.46
CA TYR A 217 6.72 -22.96 7.25
C TYR A 217 7.56 -24.23 7.32
N ARG A 218 6.91 -25.35 7.66
CA ARG A 218 7.58 -26.62 7.82
C ARG A 218 7.17 -27.55 6.69
N VAL A 219 8.15 -28.23 6.08
CA VAL A 219 7.91 -29.13 4.96
C VAL A 219 8.97 -30.23 5.01
N ASN A 220 8.62 -31.39 4.46
CA ASN A 220 9.51 -32.53 4.39
C ASN A 220 9.73 -32.89 2.92
N VAL A 221 11.00 -32.97 2.52
CA VAL A 221 11.37 -33.29 1.15
C VAL A 221 12.28 -34.53 1.16
N ALA A 222 12.46 -35.10 -0.02
CA ALA A 222 13.30 -36.29 -0.16
C ALA A 222 14.78 -35.90 -0.07
N GLU A 223 15.62 -36.92 0.01
CA GLU A 223 17.06 -36.69 0.11
C GLU A 223 17.65 -36.28 -1.23
N ASN A 224 17.46 -37.09 -2.26
CA ASN A 224 18.00 -36.80 -3.59
C ASN A 224 17.00 -35.97 -4.41
N LEU A 225 16.65 -34.82 -3.86
CA LEU A 225 15.76 -33.91 -4.55
C LEU A 225 16.50 -33.21 -5.68
N PRO A 226 15.98 -33.21 -6.91
CA PRO A 226 16.69 -32.57 -8.01
C PRO A 226 16.87 -31.07 -7.79
N ALA A 227 17.99 -30.56 -8.29
CA ALA A 227 18.26 -29.13 -8.18
C ALA A 227 17.31 -28.33 -9.05
N GLY A 228 16.66 -27.33 -8.45
CA GLY A 228 15.68 -26.53 -9.14
C GLY A 228 14.23 -26.90 -8.88
N SER A 229 13.95 -27.58 -7.78
CA SER A 229 12.60 -27.99 -7.44
C SER A 229 12.01 -27.06 -6.39
N SER A 230 10.69 -26.89 -6.43
CA SER A 230 10.00 -26.04 -5.48
C SER A 230 9.91 -26.73 -4.12
N VAL A 231 10.29 -26.01 -3.07
CA VAL A 231 10.24 -26.53 -1.71
C VAL A 231 8.96 -26.06 -1.05
N LEU A 232 8.76 -24.74 -0.99
CA LEU A 232 7.57 -24.14 -0.42
C LEU A 232 7.41 -22.75 -1.02
N LYS A 233 6.53 -21.94 -0.41
CA LYS A 233 6.29 -20.59 -0.90
C LYS A 233 5.75 -19.75 0.26
N VAL A 234 6.57 -18.82 0.75
CA VAL A 234 6.13 -17.92 1.80
C VAL A 234 5.19 -16.87 1.21
N MET A 235 4.37 -16.29 2.09
CA MET A 235 3.36 -15.31 1.68
C MET A 235 3.22 -14.25 2.75
N ALA A 236 3.38 -12.99 2.35
CA ALA A 236 3.20 -11.85 3.24
C ALA A 236 2.12 -10.94 2.68
N ILE A 237 1.24 -10.47 3.55
CA ILE A 237 0.10 -9.63 3.18
C ILE A 237 0.35 -8.22 3.68
N ASP A 238 0.15 -7.24 2.80
CA ASP A 238 0.30 -5.83 3.14
C ASP A 238 -0.97 -5.10 2.70
N MET A 239 -1.62 -4.42 3.64
CA MET A 239 -2.89 -3.76 3.39
C MET A 239 -2.75 -2.36 2.81
N ASP A 240 -1.53 -1.93 2.49
CA ASP A 240 -1.30 -0.59 1.98
C ASP A 240 -1.37 -0.60 0.45
N GLU A 241 -1.02 0.53 -0.16
CA GLU A 241 -1.17 0.72 -1.60
C GLU A 241 0.09 1.35 -2.17
N GLY A 242 0.50 0.86 -3.35
CA GLY A 242 1.61 1.47 -4.05
C GLY A 242 2.95 0.92 -3.58
N ILE A 243 3.90 1.83 -3.36
CA ILE A 243 5.22 1.40 -2.90
C ILE A 243 5.14 0.82 -1.49
N ASN A 244 4.18 1.28 -0.69
CA ASN A 244 3.99 0.78 0.66
C ASN A 244 3.41 -0.63 0.70
N ALA A 245 3.14 -1.24 -0.46
CA ALA A 245 2.59 -2.58 -0.53
C ALA A 245 3.52 -3.60 -1.18
N GLU A 246 4.50 -3.15 -1.96
CA GLU A 246 5.44 -4.07 -2.59
C GLU A 246 6.34 -4.70 -1.53
N ILE A 247 6.41 -6.02 -1.53
CA ILE A 247 7.12 -6.79 -0.51
C ILE A 247 8.27 -7.53 -1.17
N ILE A 248 9.45 -7.47 -0.55
CA ILE A 248 10.63 -8.20 -1.00
C ILE A 248 11.02 -9.20 0.07
N TYR A 249 11.50 -10.36 -0.35
CA TYR A 249 11.87 -11.43 0.55
C TYR A 249 13.36 -11.70 0.47
N ALA A 250 13.94 -12.08 1.62
CA ALA A 250 15.37 -12.37 1.70
C ALA A 250 15.61 -13.23 2.94
N PHE A 251 16.82 -13.77 3.03
CA PHE A 251 17.24 -14.59 4.15
C PHE A 251 17.98 -13.75 5.20
N ILE A 252 17.98 -14.26 6.43
CA ILE A 252 18.67 -13.61 7.54
C ILE A 252 19.42 -14.67 8.34
N ASN A 253 20.58 -14.28 8.86
CA ASN A 253 21.43 -15.14 9.68
C ASN A 253 21.72 -16.46 8.97
N ILE A 254 22.07 -16.36 7.69
CA ILE A 254 22.25 -17.53 6.84
C ILE A 254 23.74 -17.81 6.67
N GLY A 255 24.06 -19.07 6.34
CA GLY A 255 25.42 -19.49 6.13
C GLY A 255 25.71 -19.78 4.66
N LYS A 256 26.98 -20.05 4.39
CA LYS A 256 27.41 -20.33 3.03
C LYS A 256 26.95 -21.72 2.58
N GLU A 257 26.87 -22.68 3.50
CA GLU A 257 26.36 -24.00 3.16
C GLU A 257 24.92 -23.94 2.70
N VAL A 258 24.10 -23.12 3.37
CA VAL A 258 22.71 -22.96 2.97
C VAL A 258 22.59 -22.09 1.73
N ARG A 259 23.45 -21.07 1.61
CA ARG A 259 23.37 -20.15 0.49
C ARG A 259 23.62 -20.84 -0.84
N GLN A 260 24.45 -21.87 -0.86
CA GLN A 260 24.73 -22.64 -2.07
C GLN A 260 23.73 -23.76 -2.31
N LEU A 261 22.77 -23.95 -1.42
CA LEU A 261 21.77 -25.00 -1.55
C LEU A 261 20.37 -24.47 -1.87
N PHE A 262 19.96 -23.36 -1.27
CA PHE A 262 18.64 -22.81 -1.47
C PHE A 262 18.73 -21.40 -2.03
N LYS A 263 17.61 -20.93 -2.58
CA LYS A 263 17.51 -19.58 -3.12
C LYS A 263 16.08 -19.09 -2.95
N LEU A 264 15.94 -17.91 -2.34
CA LEU A 264 14.63 -17.31 -2.10
C LEU A 264 14.39 -16.19 -3.10
N ASP A 265 13.26 -16.27 -3.81
CA ASP A 265 12.90 -15.23 -4.76
C ASP A 265 12.48 -13.97 -4.01
N SER A 266 12.96 -12.82 -4.50
CA SER A 266 12.65 -11.56 -3.83
C SER A 266 11.22 -11.13 -4.10
N LYS A 267 10.71 -11.36 -5.31
CA LYS A 267 9.37 -10.91 -5.69
C LYS A 267 8.30 -11.95 -5.36
N THR A 268 8.37 -13.11 -6.01
CA THR A 268 7.36 -14.13 -5.81
C THR A 268 7.47 -14.81 -4.45
N GLY A 269 8.66 -14.82 -3.85
CA GLY A 269 8.83 -15.45 -2.56
C GLY A 269 8.82 -16.96 -2.57
N GLU A 270 9.11 -17.57 -3.73
CA GLU A 270 9.14 -19.02 -3.83
C GLU A 270 10.55 -19.54 -3.53
N LEU A 271 10.63 -20.56 -2.67
CA LEU A 271 11.89 -21.13 -2.26
C LEU A 271 12.19 -22.38 -3.08
N THR A 272 13.36 -22.38 -3.72
CA THR A 272 13.82 -23.49 -4.55
C THR A 272 15.16 -23.99 -4.03
N THR A 273 15.70 -25.01 -4.71
CA THR A 273 16.99 -25.59 -4.38
C THR A 273 17.95 -25.39 -5.54
N ILE A 274 19.13 -24.83 -5.25
CA ILE A 274 20.16 -24.61 -6.25
C ILE A 274 21.35 -25.55 -6.05
N GLY A 275 21.33 -26.37 -5.00
CA GLY A 275 22.39 -27.31 -4.72
C GLY A 275 21.84 -28.72 -4.57
N GLU A 276 22.58 -29.54 -3.84
CA GLU A 276 22.21 -30.93 -3.60
C GLU A 276 21.98 -31.15 -2.11
N LEU A 277 20.92 -31.90 -1.79
CA LEU A 277 20.61 -32.25 -0.42
C LEU A 277 21.22 -33.60 -0.06
N ASP A 278 21.57 -33.76 1.21
CA ASP A 278 22.18 -34.99 1.69
C ASP A 278 21.78 -35.22 3.13
N PHE A 279 21.11 -36.35 3.39
CA PHE A 279 20.68 -36.65 4.76
C PHE A 279 21.85 -37.01 5.65
N GLU A 280 22.89 -37.65 5.09
CA GLU A 280 24.05 -38.03 5.90
C GLU A 280 24.86 -36.84 6.37
N GLU A 281 24.68 -35.67 5.74
CA GLU A 281 25.39 -34.46 6.13
C GLU A 281 24.57 -33.58 7.06
N ARG A 282 23.30 -33.34 6.72
CA ARG A 282 22.43 -32.49 7.53
C ARG A 282 20.99 -32.86 7.22
N ASP A 283 20.20 -33.06 8.27
CA ASP A 283 18.82 -33.51 8.13
C ASP A 283 17.79 -32.42 8.42
N SER A 284 18.22 -31.22 8.79
CA SER A 284 17.28 -30.15 9.11
C SER A 284 17.92 -28.81 8.78
N TYR A 285 17.09 -27.87 8.33
CA TYR A 285 17.53 -26.53 7.98
C TYR A 285 16.53 -25.53 8.55
N THR A 286 16.96 -24.74 9.53
CA THR A 286 16.14 -23.68 10.11
C THR A 286 16.60 -22.35 9.52
N ILE A 287 15.74 -21.73 8.72
CA ILE A 287 16.07 -20.51 7.99
C ILE A 287 15.09 -19.42 8.37
N GLY A 288 15.60 -18.21 8.57
CA GLY A 288 14.78 -17.04 8.85
C GLY A 288 14.56 -16.23 7.58
N VAL A 289 13.34 -15.72 7.42
CA VAL A 289 12.94 -14.97 6.24
C VAL A 289 12.51 -13.57 6.68
N GLU A 290 12.97 -12.56 5.95
CA GLU A 290 12.64 -11.17 6.22
C GLU A 290 11.77 -10.62 5.10
N ALA A 291 10.74 -9.86 5.47
CA ALA A 291 9.84 -9.24 4.52
C ALA A 291 9.93 -7.72 4.69
N LYS A 292 10.32 -7.03 3.63
CA LYS A 292 10.52 -5.59 3.65
C LYS A 292 9.57 -4.94 2.64
N ASP A 293 9.15 -3.71 2.95
CA ASP A 293 8.28 -2.96 2.06
C ASP A 293 8.90 -1.63 1.67
N GLY A 294 8.09 -0.71 1.16
CA GLY A 294 8.60 0.59 0.76
C GLY A 294 8.97 1.48 1.93
N GLY A 295 8.22 1.39 3.03
CA GLY A 295 8.48 2.20 4.20
C GLY A 295 9.44 1.56 5.18
N HIS A 296 10.16 0.54 4.71
CA HIS A 296 11.19 -0.16 5.50
C HIS A 296 10.58 -0.84 6.73
N HIS A 297 9.32 -1.26 6.64
CA HIS A 297 8.71 -2.04 7.70
C HIS A 297 9.11 -3.50 7.53
N THR A 298 9.61 -4.11 8.61
CA THR A 298 10.15 -5.46 8.57
C THR A 298 9.14 -6.47 9.10
N ALA A 299 9.29 -7.71 8.64
CA ALA A 299 8.46 -8.82 9.10
C ALA A 299 9.31 -10.08 9.03
N TYR A 300 9.42 -10.78 10.15
CA TYR A 300 10.30 -11.94 10.26
C TYR A 300 9.51 -13.20 10.57
N CYS A 301 10.02 -14.33 10.08
CA CYS A 301 9.45 -15.64 10.37
C CYS A 301 10.58 -16.66 10.30
N LYS A 302 10.23 -17.95 10.39
CA LYS A 302 11.19 -19.03 10.32
C LYS A 302 10.69 -20.12 9.38
N VAL A 303 11.62 -20.75 8.68
CA VAL A 303 11.32 -21.82 7.74
C VAL A 303 12.17 -23.03 8.12
N GLN A 304 11.52 -24.16 8.38
CA GLN A 304 12.20 -25.40 8.74
C GLN A 304 11.98 -26.42 7.63
N ILE A 305 13.08 -26.95 7.10
CA ILE A 305 13.03 -27.92 6.01
C ILE A 305 13.63 -29.23 6.53
N ASP A 306 12.81 -30.26 6.62
CA ASP A 306 13.25 -31.58 7.06
C ASP A 306 13.53 -32.46 5.84
N ILE A 307 14.58 -33.26 5.95
CA ILE A 307 15.02 -34.15 4.87
C ILE A 307 14.87 -35.59 5.33
N SER A 308 14.22 -36.40 4.51
CA SER A 308 14.07 -37.82 4.78
C SER A 308 15.23 -38.60 4.16
N ASP A 309 15.57 -39.71 4.79
CA ASP A 309 16.70 -40.53 4.34
C ASP A 309 16.28 -41.41 3.17
N GLU A 310 17.14 -41.48 2.16
CA GLU A 310 16.95 -42.35 1.02
C GLU A 310 18.08 -43.37 0.95
N ASN A 311 17.74 -44.56 0.45
CA ASN A 311 18.71 -45.65 0.34
C ASN A 311 19.54 -45.44 -0.93
N ASP A 312 20.54 -44.57 -0.82
CA ASP A 312 21.43 -44.27 -1.93
C ASP A 312 22.89 -44.64 -1.61
N ASN A 313 23.13 -45.37 -0.53
CA ASN A 313 24.47 -45.82 -0.17
C ASN A 313 24.50 -47.34 -0.15
N ALA A 314 25.49 -47.92 -0.82
CA ALA A 314 25.66 -49.37 -0.88
C ALA A 314 26.47 -49.86 0.32
N PRO A 315 26.19 -51.07 0.79
CA PRO A 315 26.97 -51.62 1.92
C PRO A 315 28.42 -51.80 1.54
N GLU A 316 29.30 -51.51 2.50
CA GLU A 316 30.74 -51.61 2.33
C GLU A 316 31.27 -52.83 3.08
N ILE A 317 32.17 -53.57 2.44
CA ILE A 317 32.74 -54.79 2.99
C ILE A 317 34.22 -54.58 3.23
N THR A 318 34.69 -54.96 4.41
CA THR A 318 36.10 -54.86 4.78
C THR A 318 36.57 -56.23 5.24
N LEU A 319 37.73 -56.66 4.76
CA LEU A 319 38.26 -57.99 5.04
C LEU A 319 39.66 -57.88 5.64
N ALA A 320 40.03 -58.92 6.39
CA ALA A 320 41.35 -59.02 6.99
C ALA A 320 41.63 -60.48 7.30
N SER A 321 42.87 -60.90 7.10
CA SER A 321 43.26 -62.29 7.30
C SER A 321 44.75 -62.35 7.61
N GLU A 322 45.24 -63.57 7.82
CA GLU A 322 46.66 -63.81 8.10
C GLU A 322 47.41 -63.94 6.77
N SER A 323 47.56 -62.79 6.11
CA SER A 323 48.24 -62.69 4.81
C SER A 323 47.62 -63.64 3.78
N GLN A 324 46.33 -63.92 3.95
CA GLN A 324 45.57 -64.78 3.02
C GLN A 324 46.19 -66.17 2.92
N HIS A 325 46.64 -66.70 4.06
CA HIS A 325 47.28 -68.01 4.12
C HIS A 325 46.53 -68.91 5.10
N ILE A 326 46.32 -70.16 4.71
CA ILE A 326 45.65 -71.15 5.54
C ILE A 326 46.53 -72.40 5.60
N GLN A 327 46.61 -73.01 6.78
CA GLN A 327 47.29 -74.28 6.95
C GLN A 327 46.31 -75.42 6.75
N GLU A 328 46.73 -76.43 6.00
CA GLU A 328 45.84 -77.54 5.66
C GLU A 328 45.48 -78.40 6.86
N ASP A 329 46.25 -78.31 7.94
CA ASP A 329 45.99 -79.08 9.16
C ASP A 329 45.24 -78.27 10.20
N ALA A 330 44.42 -77.32 9.78
CA ALA A 330 43.68 -76.47 10.70
C ALA A 330 42.46 -77.21 11.25
N GLU A 331 42.14 -76.95 12.51
CA GLU A 331 41.00 -77.59 13.16
C GLU A 331 39.70 -76.88 12.78
N LEU A 332 38.59 -77.61 12.93
CA LEU A 332 37.27 -77.04 12.72
C LEU A 332 36.98 -75.99 13.77
N GLY A 333 36.70 -74.77 13.34
CA GLY A 333 36.48 -73.66 14.24
C GLY A 333 37.54 -72.57 14.21
N THR A 334 38.52 -72.67 13.31
CA THR A 334 39.59 -71.69 13.24
C THR A 334 39.16 -70.50 12.40
N ALA A 335 39.39 -69.30 12.93
CA ALA A 335 39.05 -68.08 12.19
C ALA A 335 40.06 -67.86 11.07
N VAL A 336 39.55 -67.69 9.86
CA VAL A 336 40.37 -67.52 8.67
C VAL A 336 40.34 -66.07 8.16
N ALA A 337 39.16 -65.45 8.17
CA ALA A 337 39.03 -64.08 7.72
C ALA A 337 38.05 -63.34 8.62
N LEU A 338 38.23 -62.03 8.71
CA LEU A 338 37.37 -61.15 9.49
C LEU A 338 36.60 -60.25 8.54
N ILE A 339 35.28 -60.14 8.74
CA ILE A 339 34.40 -59.36 7.89
C ILE A 339 33.85 -58.19 8.68
N LYS A 340 33.97 -56.99 8.13
CA LYS A 340 33.45 -55.78 8.73
C LYS A 340 32.56 -55.05 7.73
N THR A 341 31.34 -54.73 8.13
CA THR A 341 30.38 -54.07 7.26
C THR A 341 29.82 -52.84 7.95
N HIS A 342 29.40 -51.86 7.15
CA HIS A 342 28.71 -50.68 7.64
C HIS A 342 28.05 -49.98 6.47
N ASP A 343 26.97 -49.25 6.75
CA ASP A 343 26.23 -48.52 5.74
C ASP A 343 25.96 -47.12 6.24
N LEU A 344 26.17 -46.13 5.36
CA LEU A 344 26.03 -44.73 5.75
C LEU A 344 24.57 -44.35 5.99
N ASP A 345 23.62 -45.09 5.43
CA ASP A 345 22.22 -44.76 5.59
C ASP A 345 21.75 -45.12 7.01
N SER A 346 20.54 -44.68 7.33
CA SER A 346 19.95 -44.89 8.65
C SER A 346 18.72 -45.78 8.53
N GLY A 347 18.20 -46.19 9.69
CA GLY A 347 17.02 -47.03 9.73
C GLY A 347 17.28 -48.40 9.12
N PHE A 348 16.25 -48.94 8.47
CA PHE A 348 16.39 -50.23 7.80
C PHE A 348 17.29 -50.14 6.57
N ASN A 349 17.55 -48.93 6.07
CA ASN A 349 18.47 -48.75 4.95
C ASN A 349 19.92 -48.97 5.35
N GLY A 350 20.22 -49.03 6.65
CA GLY A 350 21.57 -49.27 7.10
C GLY A 350 21.80 -50.68 7.60
N GLU A 351 20.72 -51.41 7.88
CA GLU A 351 20.83 -52.79 8.31
C GLU A 351 21.37 -53.65 7.17
N ILE A 352 22.49 -54.33 7.42
CA ILE A 352 23.20 -55.08 6.40
C ILE A 352 22.97 -56.57 6.61
N LEU A 353 22.74 -57.28 5.51
CA LEU A 353 22.53 -58.73 5.51
C LEU A 353 23.72 -59.37 4.80
N CYS A 354 24.65 -59.91 5.57
CA CYS A 354 25.86 -60.52 5.03
C CYS A 354 25.67 -62.03 4.89
N GLN A 355 26.22 -62.58 3.81
CA GLN A 355 26.10 -64.01 3.55
C GLN A 355 27.25 -64.43 2.63
N LEU A 356 27.40 -65.74 2.47
CA LEU A 356 28.45 -66.33 1.65
C LEU A 356 27.84 -66.92 0.39
N LYS A 357 28.41 -66.57 -0.76
CA LYS A 357 27.93 -67.06 -2.05
C LYS A 357 28.85 -68.17 -2.54
N GLY A 358 28.25 -69.30 -2.91
CA GLY A 358 28.99 -70.45 -3.39
C GLY A 358 29.31 -71.45 -2.30
N ASN A 359 29.56 -72.69 -2.72
CA ASN A 359 29.88 -73.76 -1.81
C ASN A 359 31.38 -73.76 -1.50
N PHE A 360 31.71 -73.74 -0.23
CA PHE A 360 33.10 -73.71 0.22
C PHE A 360 33.18 -74.44 1.55
N PRO A 361 34.37 -74.93 1.93
CA PRO A 361 34.52 -75.53 3.26
C PRO A 361 34.69 -74.48 4.34
N PHE A 362 33.91 -73.40 4.26
CA PHE A 362 33.97 -72.31 5.23
C PHE A 362 32.54 -71.96 5.67
N LYS A 363 32.45 -71.16 6.73
CA LYS A 363 31.18 -70.80 7.31
C LYS A 363 31.29 -69.43 7.96
N ILE A 364 30.30 -68.58 7.72
CA ILE A 364 30.26 -67.24 8.29
C ILE A 364 29.56 -67.29 9.64
N VAL A 365 30.23 -66.81 10.67
CA VAL A 365 29.68 -66.75 12.02
C VAL A 365 29.57 -65.29 12.43
N GLN A 366 28.37 -64.87 12.79
CA GLN A 366 28.10 -63.48 13.15
C GLN A 366 28.42 -63.27 14.63
N ASP A 367 29.26 -62.27 14.91
CA ASP A 367 29.61 -61.94 16.28
C ASP A 367 28.72 -60.80 16.80
N THR A 368 28.93 -59.60 16.27
CA THR A 368 28.12 -58.44 16.62
C THR A 368 27.23 -58.06 15.43
N LYS A 369 26.73 -56.83 15.44
CA LYS A 369 25.85 -56.39 14.36
C LYS A 369 26.60 -56.20 13.05
N ASN A 370 27.89 -55.86 13.12
CA ASN A 370 28.67 -55.52 11.93
C ASN A 370 29.98 -56.28 11.82
N THR A 371 30.18 -57.33 12.60
CA THR A 371 31.42 -58.10 12.58
C THR A 371 31.11 -59.56 12.32
N TYR A 372 31.87 -60.17 11.41
CA TYR A 372 31.72 -61.58 11.07
C TYR A 372 33.08 -62.24 11.02
N ARG A 373 33.08 -63.57 11.08
CA ARG A 373 34.31 -64.36 11.01
C ARG A 373 34.11 -65.53 10.06
N LEU A 374 35.03 -65.68 9.11
CA LEU A 374 35.00 -66.80 8.17
C LEU A 374 35.63 -68.01 8.85
N VAL A 375 34.79 -68.95 9.28
CA VAL A 375 35.21 -70.11 10.04
C VAL A 375 35.20 -71.34 9.14
N THR A 376 36.25 -72.16 9.23
CA THR A 376 36.35 -73.37 8.43
C THR A 376 35.29 -74.39 8.84
N ASP A 377 34.88 -75.20 7.87
CA ASP A 377 33.79 -76.15 8.11
C ASP A 377 34.12 -77.55 7.62
N GLY A 378 35.00 -77.66 6.61
CA GLY A 378 35.26 -78.90 5.94
C GLY A 378 36.73 -79.26 5.93
N ALA A 379 37.11 -80.02 4.91
CA ALA A 379 38.47 -80.53 4.77
C ALA A 379 39.30 -79.59 3.90
N LEU A 380 40.61 -79.60 4.14
CA LEU A 380 41.55 -78.76 3.41
C LEU A 380 42.76 -79.59 3.02
N ASP A 381 43.27 -79.35 1.81
CA ASP A 381 44.44 -80.07 1.32
C ASP A 381 45.03 -79.27 0.17
N ARG A 382 46.31 -78.89 0.29
CA ARG A 382 46.96 -78.12 -0.76
C ARG A 382 47.17 -78.94 -2.03
N GLU A 383 47.41 -80.25 -1.88
CA GLU A 383 47.65 -81.09 -3.04
C GLU A 383 46.42 -81.19 -3.94
N GLN A 384 45.22 -81.05 -3.37
CA GLN A 384 43.98 -81.15 -4.12
C GLN A 384 43.45 -79.78 -4.54
N ILE A 385 43.18 -78.91 -3.56
CA ILE A 385 42.72 -77.56 -3.82
C ILE A 385 43.68 -76.59 -3.14
N PRO A 386 44.59 -75.97 -3.90
CA PRO A 386 45.58 -75.09 -3.27
C PRO A 386 45.07 -73.72 -2.89
N GLU A 387 43.95 -73.26 -3.45
CA GLU A 387 43.45 -71.93 -3.14
C GLU A 387 41.94 -71.90 -3.31
N TYR A 388 41.30 -71.01 -2.55
CA TYR A 388 39.87 -70.77 -2.62
C TYR A 388 39.60 -69.30 -2.88
N ASN A 389 38.59 -69.02 -3.71
CA ASN A 389 38.19 -67.65 -4.02
C ASN A 389 36.86 -67.39 -3.32
N VAL A 390 36.95 -66.98 -2.05
CA VAL A 390 35.77 -66.71 -1.24
C VAL A 390 35.18 -65.37 -1.64
N THR A 391 33.89 -65.36 -1.97
CA THR A 391 33.17 -64.15 -2.37
C THR A 391 32.12 -63.84 -1.30
N ILE A 392 32.22 -62.66 -0.70
CA ILE A 392 31.31 -62.20 0.34
C ILE A 392 30.39 -61.16 -0.27
N THR A 393 29.09 -61.31 -0.04
CA THR A 393 28.09 -60.38 -0.55
C THR A 393 27.33 -59.77 0.63
N ALA A 394 27.18 -58.45 0.61
CA ALA A 394 26.42 -57.73 1.62
C ALA A 394 25.27 -56.99 0.96
N THR A 395 24.11 -57.01 1.62
CA THR A 395 22.90 -56.40 1.08
C THR A 395 22.14 -55.71 2.21
N ASP A 396 21.66 -54.50 1.94
CA ASP A 396 20.90 -53.75 2.93
C ASP A 396 19.43 -54.12 2.84
N LYS A 397 18.63 -53.54 3.74
CA LYS A 397 17.20 -53.79 3.81
C LYS A 397 16.39 -52.57 3.36
N GLY A 398 16.85 -51.91 2.30
CA GLY A 398 16.20 -50.74 1.78
C GLY A 398 15.24 -51.05 0.64
N ASN A 399 14.66 -49.98 0.09
CA ASN A 399 13.73 -50.08 -1.02
C ASN A 399 14.00 -48.94 -2.00
N PRO A 400 14.70 -49.21 -3.11
CA PRO A 400 15.22 -50.53 -3.49
C PRO A 400 16.51 -50.88 -2.76
N PRO A 401 16.74 -52.16 -2.48
CA PRO A 401 17.94 -52.58 -1.75
C PRO A 401 19.17 -52.56 -2.65
N LEU A 402 20.29 -52.13 -2.07
CA LEU A 402 21.58 -52.12 -2.74
C LEU A 402 22.46 -53.25 -2.19
N SER A 403 23.51 -53.57 -2.94
CA SER A 403 24.40 -54.65 -2.56
C SER A 403 25.79 -54.39 -3.15
N SER A 404 26.76 -55.14 -2.63
CA SER A 404 28.14 -55.04 -3.10
C SER A 404 28.85 -56.34 -2.76
N SER A 405 29.76 -56.76 -3.65
CA SER A 405 30.50 -57.99 -3.48
C SER A 405 31.99 -57.70 -3.39
N LYS A 406 32.72 -58.65 -2.80
CA LYS A 406 34.17 -58.53 -2.68
C LYS A 406 34.75 -59.93 -2.54
N THR A 407 35.61 -60.33 -3.48
CA THR A 407 36.18 -61.66 -3.51
C THR A 407 37.62 -61.60 -2.98
N ILE A 408 37.94 -62.49 -2.05
CA ILE A 408 39.27 -62.60 -1.47
C ILE A 408 39.82 -63.99 -1.75
N THR A 409 41.10 -64.06 -2.10
CA THR A 409 41.76 -65.33 -2.39
C THR A 409 42.45 -65.85 -1.13
N LEU A 410 42.20 -67.11 -0.80
CA LEU A 410 42.77 -67.75 0.38
C LEU A 410 43.65 -68.90 -0.06
N HIS A 411 44.93 -68.84 0.29
CA HIS A 411 45.89 -69.85 -0.11
C HIS A 411 46.02 -70.92 0.97
N ILE A 412 46.27 -72.16 0.52
CA ILE A 412 46.44 -73.31 1.42
C ILE A 412 47.92 -73.65 1.46
N LEU A 413 48.46 -73.78 2.66
CA LEU A 413 49.87 -74.10 2.88
C LEU A 413 50.01 -75.51 3.43
N ASP A 414 51.23 -76.03 3.37
CA ASP A 414 51.52 -77.36 3.88
C ASP A 414 51.50 -77.37 5.40
N ALA A 415 51.48 -78.58 5.96
CA ALA A 415 51.46 -78.76 7.40
C ALA A 415 52.87 -78.75 7.97
N ALA A 416 52.98 -78.96 9.27
CA ALA A 416 54.29 -78.98 9.95
C ALA A 416 54.61 -80.38 10.47
CA CA B . 3.08 -1.59 4.34
CA CA C . 22.06 -48.86 2.24
CA CA D . 21.03 -41.78 2.37
CA CA E . -26.06 38.43 -2.16
CA CA F . -28.30 44.27 -9.38
CA CA G . -27.20 43.91 -5.60
CA CA H . -4.94 1.40 7.69
CA CA I . 23.23 -39.22 0.40
CA CA J . -2.70 2.76 4.60
#